data_5K5M
#
_entry.id   5K5M
#
_cell.length_a   82.140
_cell.length_b   115.770
_cell.length_c   148.590
_cell.angle_alpha   90.000
_cell.angle_beta   90.000
_cell.angle_gamma   90.000
#
_symmetry.space_group_name_H-M   'I 2 2 2'
#
loop_
_entity.id
_entity.type
_entity.pdbx_description
1 polymer 'RNA Dependent RNA Polymerase'
2 non-polymer 'ZINC ION'
3 non-polymer 5-[5-(3-hydroxyprop-1-yn-1-yl)thiophen-2-yl]-2,4-dimethoxy-N-[(3-methoxyphenyl)sulfonyl]benzamide
4 non-polymer '2-(N-MORPHOLINO)-ETHANESULFONIC ACID'
5 water water
#
_entity_poly.entity_id   1
_entity_poly.type   'polypeptide(L)'
_entity_poly.pdbx_seq_one_letter_code
;GIESEIPNLDIIGKRIEKIKQEHETSWHYDQDHPYKTWAYHGSYETKQTGSASSMVNGVVRLLTKPWDVVPMVTQMAMTD
TTPFGQQRVFKEKVDTRTQEPKEGTKKLMKITAEWLWKELGKKKTPRMCTREEFTRKVRSNAALGAIFTDENKWKSAREA
VEDSRFWELVDKERNLHLEGKCETCVYNMMGKREKKLGEFGKAKGSRAIWYMWLGARFLEFEALGFLNEDHWFSRENSLS
GVEGEGLHKLGYILRDVSKKEGGAMYADDTAGWDTRITLEDLKNEEMVTNHMEGEHKKLAEAIFKLTYQNKVVRVQRPTP
RGTVMDIISRRDQRGSGQVGTYGLNTFTNMEAQLIRQMEGEGVFKSIQHLTVTEEIAVQNWLARVGRERLSRMAISGDDC
VVKPLDDRFASALTALNDMGKVRKDIQQWEPSRGWNDWTQVPFCSHHFHELIMKDGRVLVVPCRNQDELIGRARISQGAG
WSLRETACLGKSYAQMWSLMYFHRRDLRLAANAICSAVPSHWVPTSRTTWSIHAKHEWMTTEDMLTVWNRVWIQENPWME
DKTPVESWEEIPYLGKREDQWCGSLIGLTSRATWAKNIQTAINQVRSLIGNEEYTDYMPSMKRFRREEEEAGVLW
;
_entity_poly.pdbx_strand_id   A
#
loop_
_chem_comp.id
_chem_comp.type
_chem_comp.name
_chem_comp.formula
68T non-polymer 5-[5-(3-hydroxyprop-1-yn-1-yl)thiophen-2-yl]-2,4-dimethoxy-N-[(3-methoxyphenyl)sulfonyl]benzamide 'C23 H21 N O7 S2'
MES non-polymer '2-(N-MORPHOLINO)-ETHANESULFONIC ACID' 'C6 H13 N O4 S'
ZN non-polymer 'ZINC ION' 'Zn 2'
#
# COMPACT_ATOMS: atom_id res chain seq x y z
N ASN A 8 32.25 -2.49 3.28
CA ASN A 8 31.81 -3.05 2.01
C ASN A 8 31.88 -4.59 2.02
N LEU A 9 33.01 -5.17 1.58
CA LEU A 9 33.27 -6.61 1.44
C LEU A 9 33.13 -7.44 2.72
N ASP A 10 33.33 -6.86 3.92
CA ASP A 10 33.22 -7.62 5.17
C ASP A 10 31.79 -8.09 5.49
N ILE A 11 30.81 -7.17 5.39
CA ILE A 11 29.38 -7.35 5.68
C ILE A 11 28.67 -8.17 4.58
N ILE A 12 29.04 -7.95 3.31
CA ILE A 12 28.39 -8.64 2.18
C ILE A 12 29.16 -9.88 1.64
N GLY A 13 30.48 -9.95 1.89
CA GLY A 13 31.37 -11.02 1.46
C GLY A 13 30.88 -12.44 1.64
N LYS A 14 30.41 -12.78 2.86
CA LYS A 14 29.90 -14.13 3.19
C LYS A 14 28.70 -14.55 2.28
N ARG A 15 27.82 -13.60 1.95
CA ARG A 15 26.66 -13.83 1.10
C ARG A 15 27.08 -14.08 -0.35
N ILE A 16 28.11 -13.33 -0.83
CA ILE A 16 28.66 -13.45 -2.19
C ILE A 16 29.36 -14.80 -2.35
N GLU A 17 30.19 -15.19 -1.35
CA GLU A 17 30.94 -16.45 -1.28
C GLU A 17 30.04 -17.67 -1.46
N LYS A 18 28.89 -17.72 -0.74
CA LYS A 18 27.94 -18.84 -0.78
C LYS A 18 27.37 -19.04 -2.17
N ILE A 19 27.00 -17.91 -2.84
CA ILE A 19 26.45 -17.90 -4.20
C ILE A 19 27.50 -18.41 -5.21
N LYS A 20 28.76 -17.95 -5.04
CA LYS A 20 29.94 -18.28 -5.86
C LYS A 20 30.20 -19.80 -5.84
N GLN A 21 30.31 -20.40 -4.64
CA GLN A 21 30.54 -21.83 -4.40
C GLN A 21 29.39 -22.70 -4.92
N GLU A 22 28.14 -22.18 -4.82
CA GLU A 22 26.90 -22.84 -5.28
C GLU A 22 26.79 -22.89 -6.81
N HIS A 23 27.56 -22.04 -7.52
CA HIS A 23 27.56 -21.95 -8.99
C HIS A 23 28.98 -21.82 -9.59
N GLU A 24 29.99 -22.50 -8.98
CA GLU A 24 31.41 -22.51 -9.38
C GLU A 24 31.65 -22.82 -10.87
N THR A 25 30.84 -23.74 -11.42
CA THR A 25 30.88 -24.20 -12.81
C THR A 25 30.58 -23.06 -13.81
N SER A 26 29.59 -22.20 -13.49
CA SER A 26 29.12 -21.08 -14.32
C SER A 26 29.73 -19.72 -13.96
N TRP A 27 30.15 -19.54 -12.68
CA TRP A 27 30.68 -18.29 -12.13
C TRP A 27 31.76 -17.62 -12.99
N HIS A 28 31.57 -16.31 -13.26
CA HIS A 28 32.48 -15.47 -14.06
C HIS A 28 32.25 -13.97 -13.77
N TYR A 29 33.22 -13.12 -14.17
CA TYR A 29 33.15 -11.67 -14.02
C TYR A 29 32.97 -11.06 -15.42
N ASP A 30 31.70 -10.78 -15.79
CA ASP A 30 31.31 -10.16 -17.06
C ASP A 30 31.83 -8.72 -17.10
N GLN A 31 32.84 -8.45 -17.95
CA GLN A 31 33.47 -7.13 -18.11
C GLN A 31 32.55 -6.08 -18.77
N ASP A 32 31.52 -6.53 -19.51
CA ASP A 32 30.57 -5.63 -20.16
C ASP A 32 29.14 -5.80 -19.60
N HIS A 33 28.96 -5.35 -18.35
CA HIS A 33 27.69 -5.37 -17.59
C HIS A 33 27.08 -3.95 -17.56
N PRO A 34 25.73 -3.77 -17.47
CA PRO A 34 25.15 -2.41 -17.49
C PRO A 34 25.04 -1.68 -16.15
N TYR A 35 25.85 -2.07 -15.13
CA TYR A 35 25.78 -1.46 -13.80
C TYR A 35 26.81 -0.34 -13.59
N LYS A 36 26.36 0.77 -12.97
CA LYS A 36 27.16 1.95 -12.64
C LYS A 36 26.92 2.44 -11.19
N THR A 37 25.67 2.31 -10.68
CA THR A 37 25.34 2.73 -9.30
C THR A 37 25.43 1.53 -8.35
N TRP A 38 25.16 0.33 -8.88
CA TRP A 38 25.25 -0.94 -8.18
C TRP A 38 26.68 -1.48 -8.30
N ALA A 39 27.18 -2.12 -7.24
CA ALA A 39 28.49 -2.76 -7.23
C ALA A 39 28.32 -4.16 -7.81
N TYR A 40 28.98 -4.44 -8.93
CA TYR A 40 28.91 -5.76 -9.59
C TYR A 40 29.99 -6.67 -9.01
N HIS A 41 29.64 -7.93 -8.76
CA HIS A 41 30.56 -8.92 -8.17
C HIS A 41 30.84 -10.12 -9.08
N GLY A 42 29.83 -10.57 -9.81
CA GLY A 42 29.93 -11.70 -10.72
C GLY A 42 28.59 -12.14 -11.28
N SER A 43 28.62 -13.17 -12.16
CA SER A 43 27.43 -13.73 -12.80
C SER A 43 27.49 -15.24 -12.98
N TYR A 44 26.32 -15.89 -13.09
CA TYR A 44 26.19 -17.33 -13.31
C TYR A 44 25.02 -17.66 -14.22
N GLU A 45 25.14 -18.74 -15.02
CA GLU A 45 24.14 -19.20 -15.98
C GLU A 45 22.85 -19.69 -15.31
N THR A 46 21.69 -19.27 -15.84
CA THR A 46 20.36 -19.71 -15.36
C THR A 46 19.29 -19.91 -16.46
N LYS A 47 18.10 -20.40 -16.05
CA LYS A 47 16.96 -20.66 -16.93
C LYS A 47 16.02 -19.47 -16.89
N SER A 53 -1.21 -15.05 -14.37
CA SER A 53 -0.55 -14.79 -15.64
C SER A 53 -1.23 -13.70 -16.47
N SER A 54 -2.14 -12.99 -15.81
CA SER A 54 -3.08 -11.98 -16.34
C SER A 54 -4.16 -12.68 -17.12
N MET A 55 -4.92 -13.53 -16.43
CA MET A 55 -5.98 -14.27 -17.04
C MET A 55 -7.33 -13.60 -16.84
N VAL A 56 -8.23 -13.78 -17.79
CA VAL A 56 -9.54 -13.13 -17.66
C VAL A 56 -10.45 -13.97 -16.75
N ASN A 57 -11.22 -13.29 -15.87
CA ASN A 57 -12.22 -13.96 -15.06
C ASN A 57 -13.50 -14.01 -15.92
N GLY A 58 -13.82 -15.17 -16.42
CA GLY A 58 -14.98 -15.35 -17.27
C GLY A 58 -16.34 -15.08 -16.69
N VAL A 59 -16.50 -15.35 -15.40
CA VAL A 59 -17.76 -15.07 -14.72
C VAL A 59 -18.02 -13.54 -14.71
N VAL A 60 -17.02 -12.76 -14.28
CA VAL A 60 -17.18 -11.29 -14.24
C VAL A 60 -17.38 -10.74 -15.67
N ARG A 61 -16.57 -11.20 -16.64
CA ARG A 61 -16.67 -10.67 -18.01
C ARG A 61 -18.05 -10.95 -18.62
N LEU A 62 -18.61 -12.14 -18.39
CA LEU A 62 -19.93 -12.47 -18.94
C LEU A 62 -21.03 -11.61 -18.36
N LEU A 63 -20.82 -11.10 -17.14
CA LEU A 63 -21.82 -10.29 -16.45
C LEU A 63 -21.57 -8.78 -16.58
N THR A 64 -20.60 -8.41 -17.41
CA THR A 64 -20.23 -6.98 -17.71
C THR A 64 -20.01 -6.78 -19.21
N LYS A 65 -20.92 -7.38 -20.01
CA LYS A 65 -20.90 -7.31 -21.48
C LYS A 65 -20.70 -5.88 -22.05
N PRO A 66 -21.37 -4.78 -21.60
CA PRO A 66 -21.14 -3.46 -22.25
C PRO A 66 -19.69 -3.01 -22.28
N TRP A 67 -18.89 -3.50 -21.31
CA TRP A 67 -17.49 -3.10 -21.17
C TRP A 67 -16.57 -3.91 -22.09
N ASP A 68 -17.11 -4.90 -22.83
CA ASP A 68 -16.32 -5.69 -23.79
C ASP A 68 -15.77 -4.83 -24.93
N VAL A 69 -16.39 -3.67 -25.15
CA VAL A 69 -16.04 -2.74 -26.23
C VAL A 69 -15.48 -1.42 -25.66
N VAL A 70 -15.17 -1.41 -24.36
CA VAL A 70 -14.56 -0.23 -23.71
C VAL A 70 -13.03 -0.50 -23.62
N PRO A 71 -12.19 0.12 -24.49
CA PRO A 71 -10.73 -0.16 -24.45
C PRO A 71 -10.03 0.02 -23.12
N MET A 72 -10.45 0.99 -22.33
CA MET A 72 -9.82 1.23 -21.03
CA MET A 72 -9.89 1.31 -21.03
C MET A 72 -10.03 0.05 -20.11
N VAL A 73 -11.14 -0.71 -20.31
CA VAL A 73 -11.35 -1.93 -19.52
C VAL A 73 -10.57 -3.10 -20.16
N THR A 74 -10.78 -3.35 -21.47
CA THR A 74 -10.26 -4.53 -22.17
C THR A 74 -8.75 -4.58 -22.25
N GLN A 75 -8.13 -3.39 -22.41
CA GLN A 75 -6.66 -3.27 -22.47
C GLN A 75 -5.94 -3.64 -21.20
N MET A 76 -6.61 -3.51 -20.04
CA MET A 76 -6.07 -3.89 -18.73
C MET A 76 -5.64 -5.33 -18.62
N ALA A 77 -6.39 -6.25 -19.25
CA ALA A 77 -6.06 -7.69 -19.20
C ALA A 77 -5.02 -8.07 -20.26
N MET A 78 -4.62 -7.13 -21.10
CA MET A 78 -3.69 -7.47 -22.19
C MET A 78 -2.23 -7.50 -21.73
N GLU A 92 14.78 -1.97 -15.08
CA GLU A 92 16.17 -1.55 -14.86
C GLU A 92 16.28 -0.04 -14.56
N LYS A 93 15.13 0.60 -14.22
CA LYS A 93 15.02 2.02 -13.85
C LYS A 93 15.23 2.15 -12.32
N VAL A 94 16.07 1.26 -11.77
CA VAL A 94 16.43 1.12 -10.37
C VAL A 94 17.97 1.31 -10.19
N ASP A 95 18.70 1.46 -11.32
CA ASP A 95 20.16 1.67 -11.38
C ASP A 95 20.49 3.18 -11.40
N THR A 96 19.87 3.93 -10.47
CA THR A 96 20.04 5.37 -10.32
C THR A 96 20.71 5.72 -8.98
N ARG A 97 21.38 6.89 -8.92
CA ARG A 97 22.06 7.37 -7.72
C ARG A 97 21.39 8.66 -7.21
N THR A 98 21.17 8.72 -5.90
CA THR A 98 20.61 9.90 -5.25
C THR A 98 21.76 10.58 -4.52
N GLN A 99 21.99 11.87 -4.80
CA GLN A 99 23.07 12.65 -4.17
C GLN A 99 22.89 12.72 -2.66
N GLU A 100 24.01 12.74 -1.93
CA GLU A 100 24.00 12.84 -0.49
C GLU A 100 23.48 14.23 -0.11
N PRO A 101 22.42 14.32 0.72
CA PRO A 101 21.90 15.65 1.11
C PRO A 101 22.96 16.50 1.82
N LYS A 102 22.76 17.83 1.81
CA LYS A 102 23.65 18.81 2.44
C LYS A 102 23.61 18.66 3.96
N GLU A 103 24.60 19.25 4.66
CA GLU A 103 24.74 19.14 6.12
C GLU A 103 23.53 19.63 6.92
N GLY A 104 22.86 20.67 6.43
CA GLY A 104 21.68 21.23 7.08
C GLY A 104 20.48 20.31 7.00
N THR A 105 20.24 19.72 5.79
CA THR A 105 19.17 18.75 5.52
C THR A 105 19.37 17.56 6.45
N LYS A 106 20.62 17.04 6.51
CA LYS A 106 21.01 15.92 7.36
C LYS A 106 20.76 16.20 8.84
N LYS A 107 20.98 17.44 9.30
CA LYS A 107 20.71 17.79 10.70
C LYS A 107 19.19 17.82 10.94
N LEU A 108 18.44 18.43 9.99
CA LEU A 108 16.99 18.53 10.03
C LEU A 108 16.33 17.15 10.13
N MET A 109 16.78 16.21 9.29
CA MET A 109 16.29 14.83 9.27
C MET A 109 16.54 14.09 10.59
N LYS A 110 17.79 14.18 11.13
CA LYS A 110 18.21 13.56 12.39
C LYS A 110 17.41 14.09 13.57
N ILE A 111 17.23 15.43 13.68
CA ILE A 111 16.44 16.06 14.75
C ILE A 111 14.97 15.59 14.68
N THR A 112 14.38 15.64 13.48
CA THR A 112 12.98 15.24 13.22
C THR A 112 12.77 13.73 13.50
N ALA A 113 13.63 12.85 12.96
CA ALA A 113 13.57 11.39 13.17
C ALA A 113 13.67 10.97 14.64
N GLU A 114 14.57 11.60 15.41
CA GLU A 114 14.75 11.34 16.84
C GLU A 114 13.47 11.74 17.58
N TRP A 115 12.96 12.96 17.27
CA TRP A 115 11.72 13.47 17.85
C TRP A 115 10.56 12.53 17.52
N LEU A 116 10.42 12.10 16.23
CA LEU A 116 9.30 11.28 15.74
C LEU A 116 9.30 9.87 16.33
N TRP A 117 10.47 9.19 16.42
CA TRP A 117 10.52 7.89 17.11
C TRP A 117 10.04 7.98 18.59
N LYS A 118 10.36 9.08 19.30
CA LYS A 118 9.90 9.28 20.68
C LYS A 118 8.40 9.48 20.77
N GLU A 119 7.79 10.22 19.82
CA GLU A 119 6.33 10.41 19.84
C GLU A 119 5.65 9.10 19.59
N LEU A 120 6.20 8.33 18.64
CA LEU A 120 5.63 7.05 18.26
C LEU A 120 5.71 6.00 19.39
N GLY A 121 6.78 6.05 20.19
CA GLY A 121 7.00 5.13 21.29
C GLY A 121 6.34 5.46 22.62
N LYS A 122 5.77 6.68 22.79
CA LYS A 122 5.12 7.10 24.03
C LYS A 122 4.11 6.09 24.56
N LYS A 123 3.23 5.59 23.69
CA LYS A 123 2.18 4.65 24.10
C LYS A 123 2.35 3.26 23.48
N LYS A 124 3.55 2.94 22.98
CA LYS A 124 3.78 1.62 22.37
C LYS A 124 5.05 1.03 22.91
N THR A 125 5.16 -0.29 22.88
CA THR A 125 6.35 -1.00 23.39
C THR A 125 6.91 -1.86 22.27
N PRO A 126 8.12 -1.56 21.74
CA PRO A 126 8.70 -2.45 20.72
C PRO A 126 8.85 -3.88 21.26
N ARG A 127 8.55 -4.86 20.42
CA ARG A 127 8.63 -6.26 20.80
C ARG A 127 8.90 -7.10 19.59
N MET A 128 9.38 -8.33 19.80
CA MET A 128 9.66 -9.30 18.77
C MET A 128 8.39 -9.97 18.35
N CYS A 129 8.30 -10.27 17.04
CA CYS A 129 7.14 -11.00 16.52
C CYS A 129 7.52 -12.46 16.49
N THR A 130 6.54 -13.35 16.68
CA THR A 130 6.79 -14.78 16.86
C THR A 130 6.60 -15.66 15.61
N ARG A 131 7.19 -16.89 15.68
CA ARG A 131 7.10 -17.94 14.67
C ARG A 131 5.64 -18.30 14.50
N GLU A 132 4.88 -18.29 15.61
CA GLU A 132 3.46 -18.59 15.71
C GLU A 132 2.63 -17.54 14.97
N GLU A 133 3.03 -16.24 15.09
CA GLU A 133 2.40 -15.12 14.40
C GLU A 133 2.72 -15.22 12.91
N PHE A 134 4.00 -15.51 12.57
CA PHE A 134 4.45 -15.66 11.19
C PHE A 134 3.71 -16.84 10.52
N THR A 135 3.57 -17.97 11.26
CA THR A 135 2.82 -19.19 10.87
C THR A 135 1.35 -18.87 10.71
N ARG A 136 0.78 -18.01 11.58
CA ARG A 136 -0.62 -17.57 11.49
C ARG A 136 -0.83 -16.76 10.19
N LYS A 137 0.17 -15.94 9.81
CA LYS A 137 0.14 -15.12 8.60
C LYS A 137 0.18 -15.98 7.35
N VAL A 138 1.19 -16.89 7.24
CA VAL A 138 1.34 -17.77 6.07
C VAL A 138 0.10 -18.67 5.87
N ARG A 139 -0.51 -19.16 6.99
CA ARG A 139 -1.72 -20.00 6.98
C ARG A 139 -2.95 -19.25 6.43
N SER A 140 -2.79 -17.96 6.11
CA SER A 140 -3.82 -17.10 5.51
C SER A 140 -3.16 -16.36 4.33
N ASN A 141 -2.54 -15.19 4.59
CA ASN A 141 -1.79 -14.37 3.63
C ASN A 141 -0.96 -13.34 4.41
N TRP A 154 10.94 -26.91 -0.56
CA TRP A 154 9.51 -26.69 -0.36
C TRP A 154 8.92 -25.90 -1.52
N LYS A 155 7.68 -26.26 -1.93
CA LYS A 155 7.00 -25.60 -3.05
C LYS A 155 6.14 -24.41 -2.63
N SER A 156 5.83 -24.32 -1.32
CA SER A 156 5.01 -23.25 -0.74
C SER A 156 5.55 -22.82 0.63
N ALA A 157 5.14 -21.61 1.09
CA ALA A 157 5.50 -21.09 2.42
C ALA A 157 4.77 -21.96 3.46
N ARG A 158 3.57 -22.50 3.09
CA ARG A 158 2.76 -23.41 3.91
C ARG A 158 3.54 -24.70 4.22
N GLU A 159 4.25 -25.23 3.21
CA GLU A 159 5.06 -26.44 3.32
C GLU A 159 6.30 -26.23 4.22
N ALA A 160 7.06 -25.13 3.99
CA ALA A 160 8.27 -24.78 4.74
C ALA A 160 8.04 -24.53 6.23
N VAL A 161 6.96 -23.78 6.55
CA VAL A 161 6.57 -23.41 7.91
C VAL A 161 6.21 -24.65 8.77
N GLU A 162 5.72 -25.73 8.12
CA GLU A 162 5.36 -27.01 8.76
C GLU A 162 6.56 -27.94 8.95
N ASP A 163 7.66 -27.69 8.21
CA ASP A 163 8.88 -28.49 8.24
C ASP A 163 9.93 -27.92 9.20
N SER A 164 10.31 -28.72 10.21
CA SER A 164 11.29 -28.39 11.26
C SER A 164 12.68 -27.98 10.76
N ARG A 165 13.11 -28.52 9.60
CA ARG A 165 14.41 -28.22 9.00
C ARG A 165 14.51 -26.75 8.56
N PHE A 166 13.39 -26.17 8.10
CA PHE A 166 13.30 -24.76 7.70
C PHE A 166 13.66 -23.86 8.89
N TRP A 167 13.06 -24.15 10.07
CA TRP A 167 13.29 -23.42 11.32
C TRP A 167 14.72 -23.61 11.85
N GLU A 168 15.40 -24.73 11.48
CA GLU A 168 16.80 -24.99 11.80
C GLU A 168 17.68 -24.06 10.94
N LEU A 169 17.29 -23.85 9.67
CA LEU A 169 18.01 -22.94 8.76
C LEU A 169 17.85 -21.49 9.26
N VAL A 170 16.65 -21.16 9.79
CA VAL A 170 16.27 -19.89 10.39
C VAL A 170 17.18 -19.66 11.61
N ASP A 171 17.37 -20.72 12.44
CA ASP A 171 18.24 -20.68 13.64
C ASP A 171 19.69 -20.37 13.31
N LYS A 172 20.22 -21.01 12.25
CA LYS A 172 21.59 -20.82 11.80
C LYS A 172 21.79 -19.37 11.35
N GLU A 173 20.80 -18.82 10.59
CA GLU A 173 20.84 -17.43 10.13
C GLU A 173 20.71 -16.43 11.31
N ARG A 174 19.78 -16.70 12.24
CA ARG A 174 19.54 -15.88 13.43
C ARG A 174 20.81 -15.77 14.30
N ASN A 175 21.51 -16.92 14.53
CA ASN A 175 22.74 -16.94 15.32
C ASN A 175 23.89 -16.17 14.66
N LEU A 176 23.94 -16.11 13.31
CA LEU A 176 24.94 -15.31 12.60
C LEU A 176 24.63 -13.81 12.81
N HIS A 177 23.32 -13.43 12.75
CA HIS A 177 22.84 -12.05 12.94
C HIS A 177 23.19 -11.51 14.33
N LEU A 178 23.13 -12.38 15.36
CA LEU A 178 23.41 -12.02 16.75
C LEU A 178 24.88 -11.62 17.02
N GLU A 179 25.81 -12.01 16.11
CA GLU A 179 27.23 -11.64 16.18
C GLU A 179 27.65 -10.67 15.04
N GLY A 180 26.64 -10.07 14.37
CA GLY A 180 26.80 -9.11 13.28
C GLY A 180 27.22 -9.70 11.94
N LYS A 181 26.69 -10.89 11.59
CA LYS A 181 27.00 -11.59 10.34
C LYS A 181 25.73 -12.01 9.59
N CYS A 182 25.83 -12.20 8.26
CA CYS A 182 24.71 -12.57 7.39
C CYS A 182 25.18 -13.49 6.27
N GLU A 183 24.42 -14.54 5.95
CA GLU A 183 24.80 -15.50 4.90
C GLU A 183 23.75 -15.75 3.81
N THR A 184 22.46 -15.67 4.15
CA THR A 184 21.41 -16.01 3.21
C THR A 184 20.38 -14.89 2.93
N CYS A 185 20.48 -13.74 3.61
CA CYS A 185 19.52 -12.67 3.38
C CYS A 185 19.90 -11.87 2.12
N VAL A 186 19.50 -12.43 0.98
CA VAL A 186 19.78 -11.93 -0.38
C VAL A 186 18.44 -11.70 -1.11
N TYR A 187 18.23 -10.49 -1.65
CA TYR A 187 17.02 -10.17 -2.42
C TYR A 187 17.08 -10.77 -3.80
N ASN A 188 15.91 -11.16 -4.33
CA ASN A 188 15.75 -11.71 -5.67
C ASN A 188 14.80 -10.78 -6.43
N MET A 189 15.37 -9.85 -7.21
CA MET A 189 14.62 -8.88 -8.02
C MET A 189 13.82 -9.57 -9.10
N MET A 190 12.48 -9.44 -9.02
CA MET A 190 11.48 -10.02 -9.94
C MET A 190 11.66 -11.52 -10.19
N ARG A 207 7.06 -1.58 -11.79
CA ARG A 207 8.01 -1.50 -10.67
C ARG A 207 8.60 -2.88 -10.33
N ALA A 208 9.87 -2.90 -9.88
CA ALA A 208 10.58 -4.14 -9.52
C ALA A 208 10.26 -4.63 -8.11
N ILE A 209 9.77 -5.87 -7.99
CA ILE A 209 9.44 -6.49 -6.69
C ILE A 209 10.64 -7.29 -6.21
N TRP A 210 11.18 -6.91 -5.03
CA TRP A 210 12.36 -7.54 -4.46
C TRP A 210 11.95 -8.67 -3.51
N TYR A 211 12.01 -9.90 -4.00
CA TYR A 211 11.65 -11.06 -3.21
C TYR A 211 12.75 -11.50 -2.24
N MET A 212 12.39 -12.34 -1.29
CA MET A 212 13.34 -12.85 -0.34
C MET A 212 12.97 -14.23 0.12
N TRP A 213 13.95 -14.99 0.59
CA TRP A 213 13.68 -16.32 1.08
C TRP A 213 12.90 -16.23 2.39
N LEU A 214 11.99 -17.17 2.60
CA LEU A 214 11.10 -17.20 3.76
C LEU A 214 11.79 -16.92 5.11
N GLY A 215 12.96 -17.53 5.33
CA GLY A 215 13.73 -17.35 6.56
C GLY A 215 14.26 -15.94 6.78
N ALA A 216 14.64 -15.26 5.69
CA ALA A 216 15.11 -13.88 5.72
C ALA A 216 13.90 -12.97 6.04
N ARG A 217 12.73 -13.28 5.46
CA ARG A 217 11.47 -12.58 5.70
C ARG A 217 11.06 -12.74 7.18
N PHE A 218 11.12 -13.99 7.73
CA PHE A 218 10.80 -14.23 9.13
C PHE A 218 11.70 -13.41 10.04
N LEU A 219 13.02 -13.34 9.75
CA LEU A 219 13.96 -12.60 10.59
C LEU A 219 13.66 -11.11 10.59
N GLU A 220 13.25 -10.58 9.43
CA GLU A 220 12.87 -9.19 9.25
C GLU A 220 11.59 -8.92 10.07
N PHE A 221 10.56 -9.79 9.91
CA PHE A 221 9.29 -9.73 10.62
C PHE A 221 9.48 -9.86 12.15
N GLU A 222 10.37 -10.77 12.58
CA GLU A 222 10.65 -11.00 13.99
C GLU A 222 11.16 -9.70 14.63
N ALA A 223 12.08 -9.01 13.96
CA ALA A 223 12.69 -7.79 14.44
C ALA A 223 11.83 -6.51 14.25
N LEU A 224 11.12 -6.38 13.09
CA LEU A 224 10.41 -5.14 12.75
C LEU A 224 8.91 -5.26 12.47
N GLY A 225 8.35 -6.47 12.55
CA GLY A 225 6.92 -6.72 12.38
C GLY A 225 6.02 -5.97 13.32
N PHE A 226 6.54 -5.61 14.53
CA PHE A 226 5.80 -4.88 15.58
C PHE A 226 5.22 -3.55 15.06
N LEU A 227 5.98 -2.85 14.18
CA LEU A 227 5.57 -1.57 13.57
C LEU A 227 4.19 -1.71 12.93
N ASN A 228 3.97 -2.84 12.21
CA ASN A 228 2.66 -3.13 11.61
C ASN A 228 1.69 -3.87 12.54
N GLU A 229 2.18 -4.96 13.18
CA GLU A 229 1.36 -5.80 14.07
C GLU A 229 0.73 -5.04 15.22
N ASP A 230 1.49 -4.11 15.83
CA ASP A 230 1.02 -3.30 16.96
C ASP A 230 0.60 -1.89 16.56
N HIS A 231 0.32 -1.66 15.24
CA HIS A 231 -0.21 -0.39 14.71
C HIS A 231 0.51 0.90 15.15
N TRP A 232 1.82 0.94 14.94
CA TRP A 232 2.58 2.15 15.30
C TRP A 232 2.14 3.37 14.44
N PHE A 233 1.68 3.12 13.18
CA PHE A 233 1.28 4.17 12.25
C PHE A 233 -0.24 4.26 12.13
N SER A 234 -0.97 3.84 13.19
CA SER A 234 -2.41 4.06 13.30
C SER A 234 -2.58 5.58 13.41
N ARG A 235 -3.74 6.14 13.06
CA ARG A 235 -3.88 7.58 13.20
C ARG A 235 -3.82 7.99 14.69
N GLU A 236 -4.37 7.15 15.57
CA GLU A 236 -4.33 7.41 17.03
C GLU A 236 -2.90 7.62 17.55
N ASN A 237 -1.98 6.72 17.20
CA ASN A 237 -0.59 6.74 17.64
C ASN A 237 0.33 7.70 16.90
N SER A 238 0.17 7.79 15.57
CA SER A 238 1.10 8.56 14.73
C SER A 238 0.58 9.93 14.28
N LEU A 239 -0.73 10.14 14.38
CA LEU A 239 -1.44 11.39 14.04
C LEU A 239 -1.51 11.66 12.52
N SER A 240 -0.44 11.34 11.75
CA SER A 240 -0.40 11.52 10.30
C SER A 240 -0.81 10.20 9.64
N GLY A 241 -0.53 9.09 10.32
CA GLY A 241 -0.78 7.74 9.80
C GLY A 241 -2.24 7.39 9.62
N VAL A 242 -2.49 6.33 8.85
CA VAL A 242 -3.81 5.81 8.51
C VAL A 242 -3.78 4.27 8.51
N GLU A 243 -2.75 3.71 9.14
CA GLU A 243 -2.63 2.25 9.15
C GLU A 243 -3.74 1.66 10.01
N GLY A 244 -4.41 0.66 9.47
CA GLY A 244 -5.51 -0.03 10.15
C GLY A 244 -6.85 0.67 9.99
N GLU A 245 -6.88 1.81 9.31
CA GLU A 245 -8.12 2.57 9.13
C GLU A 245 -9.10 1.96 8.14
N GLY A 246 -8.65 1.63 6.93
CA GLY A 246 -9.60 1.09 5.99
C GLY A 246 -10.05 2.17 5.02
N LEU A 247 -10.27 1.76 3.76
CA LEU A 247 -10.65 2.68 2.69
C LEU A 247 -11.84 3.54 3.05
N HIS A 248 -12.87 2.92 3.67
CA HIS A 248 -14.11 3.60 4.10
C HIS A 248 -13.93 4.68 5.22
N LYS A 249 -12.75 4.76 5.86
CA LYS A 249 -12.43 5.79 6.86
C LYS A 249 -11.53 6.88 6.26
N LEU A 250 -10.83 6.57 5.14
CA LEU A 250 -9.90 7.55 4.53
C LEU A 250 -10.59 8.85 4.14
N GLY A 251 -11.78 8.73 3.58
CA GLY A 251 -12.56 9.90 3.20
C GLY A 251 -12.92 10.80 4.39
N TYR A 252 -13.39 10.21 5.49
CA TYR A 252 -13.72 10.97 6.69
C TYR A 252 -12.47 11.65 7.29
N ILE A 253 -11.30 10.98 7.20
CA ILE A 253 -10.02 11.54 7.70
C ILE A 253 -9.64 12.77 6.85
N LEU A 254 -9.81 12.72 5.51
CA LEU A 254 -9.52 13.90 4.67
C LEU A 254 -10.46 15.05 4.96
N ARG A 255 -11.77 14.75 5.18
CA ARG A 255 -12.74 15.78 5.55
C ARG A 255 -12.35 16.38 6.93
N ASP A 256 -11.86 15.55 7.89
CA ASP A 256 -11.39 16.08 9.19
C ASP A 256 -10.15 16.97 9.01
N VAL A 257 -9.21 16.57 8.15
CA VAL A 257 -8.02 17.38 7.86
C VAL A 257 -8.42 18.75 7.24
N SER A 258 -9.47 18.77 6.37
CA SER A 258 -9.95 19.97 5.68
C SER A 258 -10.54 21.02 6.65
N LYS A 259 -11.07 20.57 7.81
CA LYS A 259 -11.69 21.43 8.84
C LYS A 259 -10.68 22.35 9.51
N LYS A 260 -9.39 22.05 9.39
CA LYS A 260 -8.31 22.85 9.95
C LYS A 260 -8.16 24.17 9.19
N GLU A 261 -7.69 25.22 9.88
CA GLU A 261 -7.38 26.48 9.23
C GLU A 261 -6.06 26.21 8.51
N GLY A 262 -5.93 26.70 7.28
CA GLY A 262 -4.71 26.51 6.52
C GLY A 262 -4.86 26.90 5.07
N GLY A 263 -3.86 26.56 4.27
CA GLY A 263 -3.93 26.84 2.83
C GLY A 263 -4.62 25.71 2.11
N ALA A 264 -4.23 25.46 0.86
CA ALA A 264 -4.75 24.38 0.02
C ALA A 264 -4.32 23.00 0.58
N MET A 265 -4.90 21.93 0.02
CA MET A 265 -4.52 20.59 0.39
C MET A 265 -3.56 20.09 -0.67
N TYR A 266 -2.35 19.76 -0.27
CA TYR A 266 -1.31 19.32 -1.20
C TYR A 266 -1.20 17.83 -1.19
N ALA A 267 -1.05 17.22 -2.37
CA ALA A 267 -0.99 15.76 -2.47
C ALA A 267 0.00 15.41 -3.58
N ASP A 268 1.27 15.77 -3.37
CA ASP A 268 2.33 15.54 -4.35
C ASP A 268 2.89 14.13 -4.32
N ASP A 269 2.86 13.49 -5.49
CA ASP A 269 3.43 12.17 -5.72
C ASP A 269 4.93 12.33 -5.86
N THR A 270 5.69 11.40 -5.25
CA THR A 270 7.13 11.36 -5.38
C THR A 270 7.42 10.44 -6.59
N ALA A 271 8.38 10.83 -7.44
CA ALA A 271 8.79 9.99 -8.58
C ALA A 271 9.65 8.82 -8.05
N GLY A 272 9.10 7.61 -8.04
CA GLY A 272 9.77 6.38 -7.61
C GLY A 272 10.38 6.46 -6.22
N TRP A 273 9.51 6.62 -5.22
CA TRP A 273 9.86 6.76 -3.80
C TRP A 273 10.94 5.81 -3.29
N ASP A 274 10.78 4.49 -3.52
CA ASP A 274 11.70 3.44 -3.01
C ASP A 274 13.14 3.59 -3.48
N THR A 275 13.36 4.13 -4.68
CA THR A 275 14.72 4.37 -5.24
C THR A 275 15.33 5.63 -4.59
N ARG A 276 14.49 6.52 -4.03
CA ARG A 276 14.88 7.79 -3.40
C ARG A 276 15.23 7.63 -1.92
N ILE A 277 15.09 6.41 -1.36
CA ILE A 277 15.46 6.14 0.03
C ILE A 277 17.01 6.15 0.12
N THR A 278 17.54 7.14 0.79
CA THR A 278 18.98 7.36 0.94
C THR A 278 19.55 6.54 2.09
N LEU A 279 20.90 6.54 2.23
CA LEU A 279 21.56 5.88 3.36
C LEU A 279 21.20 6.67 4.61
N GLU A 280 21.13 8.01 4.47
CA GLU A 280 20.72 8.93 5.55
C GLU A 280 19.32 8.59 6.09
N ASP A 281 18.37 8.22 5.20
CA ASP A 281 17.01 7.77 5.56
C ASP A 281 17.07 6.47 6.33
N LEU A 282 17.83 5.48 5.79
CA LEU A 282 18.02 4.17 6.43
C LEU A 282 18.64 4.25 7.82
N LYS A 283 19.56 5.21 7.99
CA LYS A 283 20.22 5.47 9.28
C LYS A 283 19.24 6.14 10.24
N ASN A 284 18.35 7.00 9.73
CA ASN A 284 17.35 7.70 10.56
C ASN A 284 16.24 6.73 11.00
N GLU A 285 15.84 5.84 10.10
CA GLU A 285 14.86 4.79 10.41
C GLU A 285 15.44 3.81 11.46
N GLU A 286 16.76 3.51 11.39
CA GLU A 286 17.47 2.62 12.33
C GLU A 286 17.35 3.06 13.80
N MET A 287 17.16 4.37 14.06
CA MET A 287 17.04 4.94 15.39
C MET A 287 15.90 4.36 16.26
N VAL A 288 15.00 3.56 15.65
CA VAL A 288 13.94 2.83 16.34
C VAL A 288 14.59 1.78 17.29
N THR A 289 15.83 1.34 16.97
CA THR A 289 16.59 0.37 17.81
C THR A 289 16.93 0.97 19.18
N ASN A 290 17.05 2.31 19.27
CA ASN A 290 17.30 3.06 20.50
C ASN A 290 16.17 2.88 21.52
N HIS A 291 14.99 2.45 21.07
CA HIS A 291 13.83 2.25 21.93
C HIS A 291 13.62 0.75 22.28
N MET A 292 14.58 -0.10 21.86
CA MET A 292 14.54 -1.54 22.12
C MET A 292 15.55 -1.95 23.20
N GLU A 293 15.49 -3.22 23.59
CA GLU A 293 16.39 -3.78 24.60
C GLU A 293 16.74 -5.24 24.30
N GLY A 294 17.83 -5.69 24.93
CA GLY A 294 18.34 -7.05 24.86
C GLY A 294 18.52 -7.63 23.47
N GLU A 295 18.01 -8.86 23.30
CA GLU A 295 18.04 -9.67 22.10
C GLU A 295 17.34 -8.96 20.91
N HIS A 296 16.11 -8.44 21.16
CA HIS A 296 15.31 -7.70 20.16
C HIS A 296 16.14 -6.61 19.49
N LYS A 297 16.79 -5.78 20.31
CA LYS A 297 17.66 -4.70 19.87
C LYS A 297 18.77 -5.17 18.91
N LYS A 298 19.45 -6.28 19.23
CA LYS A 298 20.54 -6.80 18.39
C LYS A 298 20.01 -7.34 17.08
N LEU A 299 18.89 -8.10 17.12
CA LEU A 299 18.24 -8.67 15.93
C LEU A 299 17.79 -7.55 14.97
N ALA A 300 17.22 -6.46 15.52
CA ALA A 300 16.77 -5.32 14.69
C ALA A 300 17.94 -4.56 14.11
N GLU A 301 19.02 -4.36 14.91
CA GLU A 301 20.24 -3.71 14.43
C GLU A 301 20.87 -4.54 13.31
N ALA A 302 20.75 -5.89 13.40
CA ALA A 302 21.28 -6.77 12.36
C ALA A 302 20.49 -6.58 11.04
N ILE A 303 19.14 -6.57 11.09
CA ILE A 303 18.28 -6.34 9.91
C ILE A 303 18.64 -5.00 9.20
N PHE A 304 18.77 -3.92 9.99
CA PHE A 304 19.11 -2.61 9.45
C PHE A 304 20.52 -2.52 8.84
N LYS A 305 21.55 -2.94 9.61
CA LYS A 305 22.95 -2.86 9.16
C LYS A 305 23.35 -3.88 8.11
N LEU A 306 22.87 -5.11 8.21
CA LEU A 306 23.27 -6.20 7.32
C LEU A 306 22.35 -6.45 6.13
N THR A 307 21.05 -6.10 6.22
CA THR A 307 20.13 -6.40 5.11
C THR A 307 19.55 -5.13 4.44
N TYR A 308 19.54 -3.98 5.15
CA TYR A 308 19.00 -2.71 4.61
C TYR A 308 20.09 -1.77 4.17
N GLN A 309 21.13 -1.55 5.00
CA GLN A 309 22.23 -0.61 4.70
C GLN A 309 23.36 -1.25 3.85
N ASN A 310 23.28 -2.56 3.57
CA ASN A 310 24.26 -3.32 2.77
C ASN A 310 23.51 -4.51 2.22
N LYS A 311 22.77 -4.30 1.13
CA LYS A 311 22.00 -5.37 0.52
C LYS A 311 22.75 -6.08 -0.59
N VAL A 312 22.44 -7.37 -0.79
CA VAL A 312 22.98 -8.24 -1.84
C VAL A 312 21.76 -8.66 -2.65
N VAL A 313 21.76 -8.30 -3.94
CA VAL A 313 20.63 -8.58 -4.82
C VAL A 313 21.05 -9.39 -6.05
N ARG A 314 20.21 -10.38 -6.41
CA ARG A 314 20.39 -11.18 -7.61
C ARG A 314 19.32 -10.81 -8.65
N VAL A 315 19.73 -10.62 -9.92
CA VAL A 315 18.80 -10.25 -11.00
C VAL A 315 19.20 -10.92 -12.34
N GLN A 316 18.19 -11.44 -13.06
CA GLN A 316 18.34 -12.09 -14.37
C GLN A 316 18.59 -11.05 -15.46
N ARG A 317 19.58 -11.30 -16.33
CA ARG A 317 19.92 -10.43 -17.46
C ARG A 317 20.13 -11.19 -18.77
N PRO A 318 19.48 -10.79 -19.89
CA PRO A 318 19.73 -11.48 -21.17
C PRO A 318 21.03 -11.03 -21.84
N THR A 323 21.00 -16.51 -20.63
CA THR A 323 20.46 -15.87 -19.42
C THR A 323 21.44 -15.99 -18.25
N VAL A 324 21.94 -14.84 -17.76
CA VAL A 324 22.85 -14.78 -16.61
C VAL A 324 22.16 -14.19 -15.36
N MET A 325 22.66 -14.56 -14.17
CA MET A 325 22.17 -14.04 -12.90
C MET A 325 23.28 -13.17 -12.35
N ASP A 326 23.03 -11.87 -12.22
CA ASP A 326 24.03 -10.94 -11.70
C ASP A 326 23.92 -10.84 -10.20
N ILE A 327 25.08 -10.68 -9.53
CA ILE A 327 25.16 -10.52 -8.08
C ILE A 327 25.70 -9.11 -7.84
N ILE A 328 24.78 -8.22 -7.44
CA ILE A 328 25.04 -6.80 -7.25
C ILE A 328 24.76 -6.36 -5.80
N SER A 329 25.26 -5.18 -5.43
CA SER A 329 25.12 -4.64 -4.08
C SER A 329 25.06 -3.11 -4.06
N ARG A 330 24.49 -2.54 -3.00
CA ARG A 330 24.38 -1.10 -2.75
C ARG A 330 24.02 -0.81 -1.29
N ARG A 331 24.36 0.40 -0.82
CA ARG A 331 24.09 0.80 0.56
C ARG A 331 22.71 1.47 0.78
N ASP A 332 22.08 1.99 -0.27
CA ASP A 332 20.80 2.69 -0.16
C ASP A 332 19.65 2.03 -0.95
N GLN A 333 18.49 2.73 -1.08
CA GLN A 333 17.24 2.33 -1.73
C GLN A 333 16.45 1.32 -0.87
N ARG A 334 15.15 1.19 -1.15
CA ARG A 334 14.24 0.28 -0.45
C ARG A 334 13.81 -0.82 -1.40
N GLY A 335 13.74 -2.04 -0.88
CA GLY A 335 13.20 -3.16 -1.63
C GLY A 335 11.70 -3.01 -1.71
N SER A 336 11.18 -2.68 -2.91
CA SER A 336 9.75 -2.47 -3.17
C SER A 336 8.87 -3.68 -2.84
N THR A 341 9.79 -1.64 4.02
CA THR A 341 8.41 -1.86 4.49
C THR A 341 7.53 -0.60 4.43
N TYR A 342 6.23 -0.81 4.65
CA TYR A 342 5.20 0.20 4.68
C TYR A 342 5.44 1.21 5.81
N GLY A 343 5.69 0.69 7.03
CA GLY A 343 5.91 1.47 8.22
C GLY A 343 7.06 2.44 8.07
N LEU A 344 8.19 1.96 7.55
CA LEU A 344 9.40 2.77 7.35
C LEU A 344 9.22 3.83 6.26
N ASN A 345 8.43 3.54 5.22
CA ASN A 345 8.12 4.54 4.17
C ASN A 345 7.22 5.62 4.77
N THR A 346 6.23 5.21 5.59
CA THR A 346 5.33 6.16 6.27
C THR A 346 6.14 7.05 7.20
N PHE A 347 7.04 6.44 7.99
CA PHE A 347 7.89 7.19 8.94
C PHE A 347 8.70 8.29 8.22
N THR A 348 9.44 7.89 7.19
CA THR A 348 10.31 8.78 6.43
C THR A 348 9.51 9.83 5.65
N ASN A 349 8.30 9.47 5.18
CA ASN A 349 7.48 10.46 4.48
C ASN A 349 6.92 11.45 5.50
N MET A 350 6.54 10.97 6.71
CA MET A 350 6.05 11.88 7.77
C MET A 350 7.15 12.90 8.11
N GLU A 351 8.38 12.40 8.25
CA GLU A 351 9.56 13.21 8.54
C GLU A 351 9.79 14.24 7.43
N ALA A 352 9.82 13.79 6.16
CA ALA A 352 10.04 14.68 5.00
C ALA A 352 8.97 15.77 4.88
N GLN A 353 7.69 15.42 5.12
CA GLN A 353 6.58 16.39 5.06
C GLN A 353 6.61 17.40 6.23
N LEU A 354 7.04 17.00 7.44
CA LEU A 354 7.18 17.94 8.58
C LEU A 354 8.27 18.96 8.23
N ILE A 355 9.40 18.50 7.66
CA ILE A 355 10.52 19.35 7.26
C ILE A 355 10.07 20.34 6.19
N ARG A 356 9.21 19.88 5.24
CA ARG A 356 8.68 20.78 4.22
C ARG A 356 7.80 21.84 4.87
N GLN A 357 7.01 21.42 5.86
CA GLN A 357 6.15 22.34 6.64
C GLN A 357 6.99 23.40 7.37
N MET A 358 8.16 22.97 7.94
CA MET A 358 9.15 23.81 8.63
C MET A 358 9.69 24.85 7.67
N GLU A 359 10.07 24.42 6.47
CA GLU A 359 10.59 25.30 5.44
C GLU A 359 9.53 26.33 5.04
N GLY A 360 8.29 25.88 4.80
CA GLY A 360 7.20 26.78 4.44
C GLY A 360 6.99 27.84 5.49
N GLU A 361 7.12 27.46 6.78
CA GLU A 361 6.93 28.33 7.93
C GLU A 361 8.21 29.13 8.28
N GLY A 362 9.26 28.97 7.48
CA GLY A 362 10.55 29.65 7.64
C GLY A 362 11.29 29.37 8.94
N VAL A 363 11.20 28.14 9.45
CA VAL A 363 11.85 27.67 10.69
C VAL A 363 13.38 27.72 10.54
N PHE A 364 13.84 27.48 9.32
CA PHE A 364 15.26 27.52 8.93
C PHE A 364 15.32 28.21 7.56
N LYS A 365 16.47 28.81 7.24
CA LYS A 365 16.66 29.56 6.00
C LYS A 365 17.33 28.75 4.91
N SER A 366 18.35 27.96 5.26
CA SER A 366 19.11 27.21 4.25
C SER A 366 19.39 25.76 4.61
N ILE A 367 19.46 24.93 3.59
CA ILE A 367 19.76 23.54 3.77
C ILE A 367 21.25 23.30 3.83
N GLN A 368 22.03 24.17 3.20
CA GLN A 368 23.49 24.05 3.17
C GLN A 368 24.08 23.87 4.55
N HIS A 369 23.53 24.60 5.52
CA HIS A 369 23.99 24.55 6.88
C HIS A 369 22.97 25.17 7.83
N LEU A 370 22.85 24.62 9.03
CA LEU A 370 21.93 25.12 10.04
C LEU A 370 22.59 25.94 11.17
N THR A 371 22.16 27.17 11.34
CA THR A 371 22.70 28.03 12.37
C THR A 371 22.45 27.52 13.77
N VAL A 372 23.38 27.84 14.66
CA VAL A 372 23.34 27.45 16.08
C VAL A 372 21.93 27.63 16.66
N THR A 373 21.35 28.81 16.42
CA THR A 373 20.02 29.23 16.89
C THR A 373 18.88 28.50 16.15
N GLU A 374 19.06 28.26 14.82
CA GLU A 374 18.10 27.55 13.95
C GLU A 374 17.81 26.14 14.45
N GLU A 375 18.86 25.40 14.87
CA GLU A 375 18.73 24.05 15.43
C GLU A 375 17.84 24.07 16.67
N ILE A 376 17.93 25.14 17.49
CA ILE A 376 17.11 25.32 18.69
C ILE A 376 15.67 25.65 18.26
N ALA A 377 15.53 26.52 17.23
CA ALA A 377 14.25 26.93 16.65
C ALA A 377 13.47 25.70 16.14
N VAL A 378 14.18 24.74 15.48
CA VAL A 378 13.65 23.46 14.99
C VAL A 378 13.10 22.64 16.16
N GLN A 379 13.96 22.41 17.20
CA GLN A 379 13.55 21.67 18.41
C GLN A 379 12.36 22.33 19.12
N ASN A 380 12.34 23.69 19.17
CA ASN A 380 11.24 24.45 19.78
C ASN A 380 9.95 24.26 18.99
N TRP A 381 10.04 24.33 17.64
CA TRP A 381 8.90 24.12 16.72
C TRP A 381 8.31 22.73 16.95
N LEU A 382 9.14 21.69 17.01
CA LEU A 382 8.70 20.32 17.25
C LEU A 382 7.96 20.15 18.58
N ALA A 383 8.54 20.66 19.68
CA ALA A 383 7.92 20.52 21.01
C ALA A 383 6.64 21.36 21.10
N ARG A 384 6.65 22.54 20.51
CA ARG A 384 5.53 23.48 20.52
C ARG A 384 4.35 23.08 19.59
N VAL A 385 4.62 22.80 18.29
CA VAL A 385 3.56 22.56 17.29
C VAL A 385 3.67 21.23 16.48
N GLY A 386 4.71 20.46 16.71
CA GLY A 386 4.98 19.20 16.01
C GLY A 386 3.79 18.26 15.85
N ARG A 387 3.08 17.98 16.95
CA ARG A 387 1.92 17.09 16.93
C ARG A 387 0.77 17.68 16.16
N GLU A 388 0.55 19.02 16.30
CA GLU A 388 -0.52 19.68 15.55
C GLU A 388 -0.20 19.56 14.07
N ARG A 389 1.08 19.70 13.69
CA ARG A 389 1.50 19.66 12.30
C ARG A 389 1.41 18.26 11.68
N LEU A 390 1.56 17.23 12.50
CA LEU A 390 1.42 15.83 12.12
C LEU A 390 -0.06 15.58 11.79
N SER A 391 -0.97 16.15 12.60
CA SER A 391 -2.40 16.00 12.46
C SER A 391 -2.94 16.70 11.19
N ARG A 392 -2.12 17.55 10.52
CA ARG A 392 -2.52 18.26 9.29
C ARG A 392 -2.26 17.33 8.09
N MET A 393 -1.78 16.10 8.34
CA MET A 393 -1.39 15.15 7.31
C MET A 393 -2.10 13.81 7.37
N ALA A 394 -2.20 13.16 6.19
CA ALA A 394 -2.70 11.80 6.01
C ALA A 394 -1.62 11.11 5.16
N ILE A 395 -0.84 10.22 5.78
CA ILE A 395 0.29 9.62 5.09
C ILE A 395 0.24 8.09 5.13
N SER A 396 0.35 7.46 3.95
CA SER A 396 0.35 5.99 3.83
C SER A 396 1.52 5.64 2.94
N GLY A 397 2.66 5.34 3.54
CA GLY A 397 3.87 5.08 2.75
C GLY A 397 4.25 6.31 1.96
N ASP A 398 4.38 6.19 0.62
CA ASP A 398 4.71 7.38 -0.19
C ASP A 398 3.50 8.25 -0.57
N ASP A 399 2.30 7.82 -0.23
CA ASP A 399 1.06 8.58 -0.47
C ASP A 399 0.89 9.61 0.64
N CYS A 400 0.72 10.90 0.27
CA CYS A 400 0.52 11.93 1.28
C CYS A 400 -0.45 12.99 0.86
N VAL A 401 -1.16 13.53 1.84
CA VAL A 401 -2.03 14.69 1.75
C VAL A 401 -1.60 15.59 2.91
N VAL A 402 -1.28 16.85 2.63
CA VAL A 402 -0.87 17.78 3.70
C VAL A 402 -1.73 19.04 3.58
N LYS A 403 -2.28 19.54 4.70
CA LYS A 403 -2.95 20.84 4.72
C LYS A 403 -2.07 21.74 5.60
N PRO A 404 -1.10 22.43 4.99
CA PRO A 404 -0.16 23.22 5.81
C PRO A 404 -0.82 24.48 6.39
N LEU A 405 -0.08 25.21 7.23
CA LEU A 405 -0.55 26.44 7.90
C LEU A 405 -1.09 27.49 6.90
N ASP A 406 -0.45 27.59 5.72
CA ASP A 406 -0.82 28.52 4.65
C ASP A 406 -0.13 28.03 3.37
N ASP A 407 -0.20 28.79 2.29
CA ASP A 407 0.31 28.36 0.99
C ASP A 407 1.80 28.65 0.73
N ARG A 408 2.60 29.04 1.75
CA ARG A 408 4.05 29.18 1.56
C ARG A 408 4.68 27.81 1.25
N PHE A 409 4.02 26.75 1.74
CA PHE A 409 4.40 25.35 1.54
C PHE A 409 4.58 25.01 0.06
N ALA A 410 3.71 25.56 -0.80
CA ALA A 410 3.71 25.33 -2.25
C ALA A 410 5.08 25.53 -2.88
N SER A 411 5.80 26.59 -2.44
CA SER A 411 7.13 26.92 -2.97
C SER A 411 8.28 26.55 -2.03
N ALA A 412 8.02 25.80 -0.94
CA ALA A 412 9.06 25.34 -0.01
C ALA A 412 9.61 24.01 -0.53
N LEU A 413 10.57 24.10 -1.47
CA LEU A 413 11.07 22.93 -2.20
C LEU A 413 12.52 22.55 -2.02
N THR A 414 13.32 23.33 -1.29
CA THR A 414 14.75 23.04 -1.21
C THR A 414 15.05 21.77 -0.43
N ALA A 415 14.55 21.64 0.84
CA ALA A 415 14.77 20.44 1.63
C ALA A 415 14.14 19.22 0.98
N LEU A 416 12.88 19.35 0.46
CA LEU A 416 12.22 18.23 -0.22
C LEU A 416 13.07 17.65 -1.34
N ASN A 417 13.57 18.52 -2.25
CA ASN A 417 14.41 18.08 -3.37
C ASN A 417 15.77 17.52 -2.92
N ASP A 418 16.38 18.15 -1.91
CA ASP A 418 17.69 17.74 -1.37
C ASP A 418 17.64 16.40 -0.63
N MET A 419 16.43 16.00 -0.11
CA MET A 419 16.27 14.72 0.59
C MET A 419 16.18 13.60 -0.42
N GLY A 420 16.00 13.99 -1.68
CA GLY A 420 15.86 13.10 -2.83
C GLY A 420 14.42 12.82 -3.17
N LYS A 421 13.46 13.43 -2.42
CA LYS A 421 12.03 13.17 -2.66
C LYS A 421 11.47 14.11 -3.72
N VAL A 422 12.08 14.05 -4.90
CA VAL A 422 11.70 14.88 -6.04
C VAL A 422 10.28 14.47 -6.49
N ARG A 423 9.41 15.47 -6.63
CA ARG A 423 8.02 15.29 -7.03
C ARG A 423 7.89 14.82 -8.48
N LYS A 424 6.85 14.01 -8.73
CA LYS A 424 6.53 13.47 -10.05
C LYS A 424 5.66 14.46 -10.85
N ASP A 425 5.79 14.44 -12.20
CA ASP A 425 4.99 15.22 -13.19
C ASP A 425 4.98 16.75 -12.98
N ILE A 426 6.10 17.31 -12.46
CA ILE A 426 6.27 18.74 -12.23
C ILE A 426 7.76 19.05 -12.27
N GLN A 427 8.12 20.27 -12.74
CA GLN A 427 9.50 20.75 -12.83
C GLN A 427 10.01 20.93 -11.40
N GLN A 428 11.29 20.59 -11.17
CA GLN A 428 11.95 20.59 -9.87
C GLN A 428 11.67 21.83 -8.99
N TRP A 429 11.64 23.03 -9.60
CA TRP A 429 11.44 24.25 -8.82
C TRP A 429 10.10 24.94 -9.08
N GLU A 430 9.18 24.29 -9.80
CA GLU A 430 7.85 24.84 -10.03
C GLU A 430 7.01 24.66 -8.75
N PRO A 431 6.28 25.69 -8.25
CA PRO A 431 5.53 25.51 -7.00
C PRO A 431 4.39 24.51 -7.16
N SER A 432 4.09 23.78 -6.08
CA SER A 432 3.04 22.79 -6.10
C SER A 432 1.68 23.42 -6.33
N ARG A 433 0.81 22.69 -7.00
CA ARG A 433 -0.56 23.11 -7.22
C ARG A 433 -1.39 22.32 -6.22
N GLY A 434 -2.03 23.05 -5.31
CA GLY A 434 -2.86 22.48 -4.27
C GLY A 434 -4.31 22.31 -4.69
N TRP A 435 -5.09 21.63 -3.85
CA TRP A 435 -6.49 21.36 -4.08
C TRP A 435 -7.28 22.23 -3.10
N ASN A 436 -8.37 22.83 -3.58
CA ASN A 436 -9.24 23.74 -2.84
C ASN A 436 -10.44 23.05 -2.20
N ASP A 437 -10.62 21.76 -2.45
CA ASP A 437 -11.74 21.01 -1.90
C ASP A 437 -11.27 19.57 -1.62
N TRP A 438 -11.48 19.09 -0.37
CA TRP A 438 -11.08 17.74 0.06
C TRP A 438 -11.70 16.62 -0.80
N THR A 439 -12.84 16.89 -1.42
CA THR A 439 -13.51 15.91 -2.29
C THR A 439 -12.81 15.76 -3.64
N GLN A 440 -11.85 16.66 -3.96
CA GLN A 440 -11.11 16.62 -5.22
C GLN A 440 -9.73 16.02 -5.05
N VAL A 441 -9.26 15.94 -3.81
CA VAL A 441 -7.92 15.47 -3.47
C VAL A 441 -7.70 13.97 -3.81
N PRO A 442 -6.61 13.62 -4.55
CA PRO A 442 -6.31 12.20 -4.76
C PRO A 442 -5.59 11.63 -3.53
N PHE A 443 -5.96 10.42 -3.13
CA PHE A 443 -5.33 9.73 -2.01
C PHE A 443 -5.51 8.27 -2.21
N CYS A 444 -4.38 7.53 -2.28
CA CYS A 444 -4.32 6.07 -2.48
C CYS A 444 -5.21 5.61 -3.70
N SER A 445 -5.09 6.34 -4.84
CA SER A 445 -5.79 6.08 -6.12
C SER A 445 -7.31 6.34 -6.07
N HIS A 446 -7.78 6.99 -5.02
CA HIS A 446 -9.18 7.31 -4.81
C HIS A 446 -9.38 8.79 -4.61
N HIS A 447 -10.64 9.22 -4.71
CA HIS A 447 -11.18 10.51 -4.34
C HIS A 447 -12.43 10.14 -3.58
N PHE A 448 -13.01 11.10 -2.88
CA PHE A 448 -14.09 10.82 -1.95
C PHE A 448 -15.25 11.76 -2.13
N HIS A 449 -16.44 11.24 -2.04
CA HIS A 449 -17.65 11.99 -2.20
C HIS A 449 -18.49 12.03 -0.91
N GLU A 450 -19.16 13.14 -0.70
CA GLU A 450 -20.07 13.33 0.42
C GLU A 450 -21.47 13.00 -0.07
N LEU A 451 -22.08 12.00 0.54
CA LEU A 451 -23.38 11.49 0.18
C LEU A 451 -24.40 11.62 1.28
N ILE A 452 -25.50 12.29 1.00
CA ILE A 452 -26.55 12.48 1.97
C ILE A 452 -27.62 11.43 1.80
N MET A 453 -27.89 10.68 2.85
CA MET A 453 -28.90 9.65 2.85
C MET A 453 -30.31 10.24 2.92
N LYS A 454 -31.31 9.54 2.42
CA LYS A 454 -32.70 10.01 2.51
C LYS A 454 -33.08 10.51 3.94
N ASP A 455 -32.52 9.88 4.98
CA ASP A 455 -32.74 10.20 6.40
C ASP A 455 -31.81 11.32 6.98
N GLY A 456 -31.08 12.00 6.11
CA GLY A 456 -30.21 13.11 6.50
C GLY A 456 -28.83 12.75 7.00
N ARG A 457 -28.52 11.44 7.18
CA ARG A 457 -27.19 11.06 7.63
C ARG A 457 -26.20 11.22 6.46
N VAL A 458 -24.94 11.50 6.78
CA VAL A 458 -23.92 11.81 5.77
C VAL A 458 -22.86 10.73 5.68
N LEU A 459 -22.75 10.14 4.49
CA LEU A 459 -21.72 9.14 4.22
C LEU A 459 -20.60 9.83 3.46
N VAL A 460 -19.37 9.46 3.77
CA VAL A 460 -18.20 9.92 3.02
C VAL A 460 -17.70 8.65 2.34
N VAL A 461 -17.84 8.59 1.01
CA VAL A 461 -17.56 7.35 0.27
C VAL A 461 -16.34 7.39 -0.63
N PRO A 462 -15.66 6.21 -0.82
CA PRO A 462 -14.50 6.16 -1.74
C PRO A 462 -14.91 5.95 -3.19
N CYS A 463 -14.14 6.48 -4.14
CA CYS A 463 -14.49 6.39 -5.54
C CYS A 463 -13.24 6.43 -6.40
N ARG A 464 -13.31 5.81 -7.56
CA ARG A 464 -12.27 5.90 -8.57
C ARG A 464 -12.94 5.73 -9.94
N ASN A 465 -12.21 6.00 -11.04
CA ASN A 465 -12.81 5.84 -12.35
C ASN A 465 -13.32 4.40 -12.49
N GLN A 466 -14.61 4.27 -12.91
CA GLN A 466 -15.28 2.97 -12.93
C GLN A 466 -14.63 1.94 -13.87
N ASP A 467 -13.98 2.41 -14.97
CA ASP A 467 -13.28 1.46 -15.85
C ASP A 467 -12.16 0.73 -15.11
N GLU A 468 -11.48 1.41 -14.15
CA GLU A 468 -10.41 0.77 -13.38
C GLU A 468 -10.99 -0.36 -12.51
N LEU A 469 -12.17 -0.14 -11.95
CA LEU A 469 -12.83 -1.09 -11.06
C LEU A 469 -13.30 -2.32 -11.79
N ILE A 470 -13.92 -2.11 -12.95
CA ILE A 470 -14.41 -3.20 -13.79
C ILE A 470 -13.25 -3.96 -14.43
N GLY A 471 -12.29 -3.23 -14.97
CA GLY A 471 -11.10 -3.82 -15.59
C GLY A 471 -10.37 -4.73 -14.62
N ARG A 472 -10.25 -4.31 -13.36
CA ARG A 472 -9.57 -5.11 -12.31
C ARG A 472 -10.37 -6.39 -11.93
N ALA A 473 -11.69 -6.27 -11.74
CA ALA A 473 -12.54 -7.43 -11.37
C ALA A 473 -12.57 -8.49 -12.48
N ARG A 474 -12.26 -8.08 -13.74
CA ARG A 474 -12.21 -8.99 -14.90
C ARG A 474 -10.91 -9.75 -15.00
N ILE A 475 -9.99 -9.49 -14.06
CA ILE A 475 -8.71 -10.16 -14.07
C ILE A 475 -8.63 -11.15 -12.95
N SER A 476 -8.15 -12.34 -13.28
CA SER A 476 -7.89 -13.42 -12.35
C SER A 476 -6.34 -13.59 -12.37
N GLN A 477 -5.68 -13.57 -11.20
CA GLN A 477 -4.22 -13.75 -11.15
C GLN A 477 -3.89 -15.22 -10.85
N GLY A 478 -2.94 -15.80 -11.60
CA GLY A 478 -2.54 -17.19 -11.40
C GLY A 478 -3.14 -18.21 -12.34
N ALA A 479 -2.62 -19.44 -12.28
CA ALA A 479 -3.05 -20.55 -13.12
C ALA A 479 -3.78 -21.67 -12.38
N GLY A 480 -4.44 -22.51 -13.20
CA GLY A 480 -5.11 -23.73 -12.79
C GLY A 480 -6.42 -23.57 -12.06
N TRP A 481 -7.12 -22.44 -12.24
CA TRP A 481 -8.36 -22.26 -11.51
C TRP A 481 -9.53 -22.97 -12.09
N SER A 482 -10.30 -23.59 -11.19
CA SER A 482 -11.53 -24.27 -11.57
C SER A 482 -12.60 -23.21 -11.85
N LEU A 483 -13.74 -23.63 -12.37
CA LEU A 483 -14.87 -22.71 -12.60
C LEU A 483 -15.39 -22.21 -11.25
N ARG A 484 -15.43 -23.10 -10.23
CA ARG A 484 -15.89 -22.73 -8.90
C ARG A 484 -15.00 -21.62 -8.27
N GLU A 485 -13.67 -21.78 -8.32
CA GLU A 485 -12.73 -20.80 -7.78
C GLU A 485 -12.83 -19.45 -8.53
N THR A 486 -13.07 -19.51 -9.85
CA THR A 486 -13.24 -18.30 -10.69
C THR A 486 -14.51 -17.57 -10.26
N ALA A 487 -15.63 -18.33 -10.16
CA ALA A 487 -16.93 -17.76 -9.71
C ALA A 487 -16.78 -17.17 -8.30
N CYS A 488 -16.02 -17.84 -7.39
CA CYS A 488 -15.86 -17.36 -6.02
C CYS A 488 -15.02 -16.07 -5.95
N LEU A 489 -14.04 -15.91 -6.85
CA LEU A 489 -13.28 -14.64 -6.88
C LEU A 489 -14.20 -13.51 -7.45
N GLY A 490 -15.06 -13.87 -8.42
CA GLY A 490 -16.03 -12.93 -8.98
C GLY A 490 -16.95 -12.44 -7.87
N LYS A 491 -17.38 -13.35 -7.01
CA LYS A 491 -18.18 -13.05 -5.83
C LYS A 491 -17.42 -12.15 -4.84
N SER A 492 -16.09 -12.32 -4.65
CA SER A 492 -15.33 -11.41 -3.75
C SER A 492 -15.40 -9.95 -4.29
N TYR A 493 -15.20 -9.77 -5.60
CA TYR A 493 -15.31 -8.45 -6.26
C TYR A 493 -16.69 -7.87 -6.10
N ALA A 494 -17.75 -8.66 -6.35
CA ALA A 494 -19.15 -8.22 -6.23
C ALA A 494 -19.43 -7.75 -4.82
N GLN A 495 -19.04 -8.51 -3.79
CA GLN A 495 -19.29 -8.09 -2.39
C GLN A 495 -18.44 -6.86 -2.00
N MET A 496 -17.22 -6.75 -2.52
CA MET A 496 -16.39 -5.56 -2.28
C MET A 496 -17.11 -4.33 -2.86
N TRP A 497 -17.67 -4.46 -4.07
CA TRP A 497 -18.41 -3.35 -4.70
C TRP A 497 -19.64 -3.00 -3.88
N SER A 498 -20.40 -4.01 -3.36
CA SER A 498 -21.59 -3.75 -2.54
CA SER A 498 -21.59 -3.71 -2.56
C SER A 498 -21.24 -2.97 -1.27
N LEU A 499 -20.04 -3.20 -0.72
CA LEU A 499 -19.62 -2.52 0.49
C LEU A 499 -18.96 -1.16 0.27
N MET A 500 -18.06 -1.05 -0.70
CA MET A 500 -17.31 0.19 -0.91
C MET A 500 -17.82 1.09 -2.01
N TYR A 501 -18.41 0.52 -3.07
CA TYR A 501 -18.79 1.26 -4.25
C TYR A 501 -20.24 1.11 -4.61
N PHE A 502 -21.10 0.92 -3.60
CA PHE A 502 -22.54 0.77 -3.75
C PHE A 502 -23.20 1.98 -4.42
N HIS A 503 -22.55 3.14 -4.27
CA HIS A 503 -22.99 4.43 -4.75
C HIS A 503 -22.82 4.60 -6.30
N ARG A 504 -22.19 3.61 -6.95
CA ARG A 504 -21.99 3.59 -8.40
C ARG A 504 -23.08 2.70 -8.97
N ARG A 505 -24.05 3.28 -9.75
CA ARG A 505 -25.19 2.51 -10.30
C ARG A 505 -24.81 1.19 -10.96
N ASP A 506 -23.82 1.20 -11.90
CA ASP A 506 -23.42 0.02 -12.69
C ASP A 506 -22.82 -1.07 -11.81
N LEU A 507 -22.07 -0.68 -10.77
CA LEU A 507 -21.43 -1.62 -9.85
C LEU A 507 -22.43 -2.27 -8.91
N ARG A 508 -23.42 -1.53 -8.38
CA ARG A 508 -24.41 -2.14 -7.51
C ARG A 508 -25.21 -3.18 -8.35
N LEU A 509 -25.50 -2.84 -9.62
CA LEU A 509 -26.24 -3.74 -10.50
C LEU A 509 -25.39 -4.96 -10.84
N ALA A 510 -24.14 -4.73 -11.31
CA ALA A 510 -23.25 -5.82 -11.69
C ALA A 510 -22.96 -6.73 -10.48
N ALA A 511 -22.78 -6.15 -9.30
CA ALA A 511 -22.52 -6.89 -8.05
C ALA A 511 -23.70 -7.82 -7.73
N ASN A 512 -24.96 -7.31 -7.86
CA ASN A 512 -26.18 -8.12 -7.63
C ASN A 512 -26.30 -9.22 -8.65
N ALA A 513 -25.92 -8.92 -9.93
CA ALA A 513 -25.90 -9.93 -11.02
C ALA A 513 -24.90 -11.03 -10.69
N ILE A 514 -23.67 -10.69 -10.23
CA ILE A 514 -22.65 -11.71 -9.89
C ILE A 514 -23.14 -12.57 -8.73
N CYS A 515 -23.63 -11.94 -7.66
CA CYS A 515 -24.18 -12.63 -6.50
C CYS A 515 -25.40 -13.50 -6.83
N SER A 516 -26.16 -13.14 -7.87
CA SER A 516 -27.32 -13.95 -8.33
C SER A 516 -26.88 -15.15 -9.18
N ALA A 517 -25.75 -14.99 -9.86
CA ALA A 517 -25.20 -15.99 -10.79
C ALA A 517 -24.29 -17.02 -10.13
N VAL A 518 -23.75 -16.70 -8.94
CA VAL A 518 -22.86 -17.58 -8.21
C VAL A 518 -23.69 -18.26 -7.10
N PRO A 519 -23.53 -19.60 -6.91
CA PRO A 519 -24.27 -20.28 -5.83
C PRO A 519 -24.18 -19.53 -4.49
N SER A 520 -25.34 -19.24 -3.90
CA SER A 520 -25.47 -18.39 -2.69
C SER A 520 -24.59 -18.80 -1.50
N HIS A 521 -24.34 -20.12 -1.30
CA HIS A 521 -23.54 -20.57 -0.14
C HIS A 521 -22.06 -20.71 -0.45
N TRP A 522 -21.65 -20.50 -1.74
CA TRP A 522 -20.21 -20.57 -2.07
C TRP A 522 -19.46 -19.40 -1.45
N VAL A 523 -18.30 -19.72 -0.90
CA VAL A 523 -17.52 -18.79 -0.10
C VAL A 523 -16.61 -17.93 -0.97
N PRO A 524 -16.66 -16.58 -0.87
CA PRO A 524 -15.72 -15.76 -1.65
C PRO A 524 -14.28 -16.20 -1.42
N THR A 525 -13.53 -16.35 -2.52
CA THR A 525 -12.13 -16.81 -2.48
C THR A 525 -11.17 -15.75 -2.93
N SER A 526 -9.89 -16.08 -2.78
CA SER A 526 -8.76 -15.28 -3.19
C SER A 526 -8.84 -13.90 -2.55
N ARG A 527 -8.31 -12.86 -3.18
CA ARG A 527 -8.33 -11.51 -2.63
C ARG A 527 -8.63 -10.60 -3.79
N THR A 528 -9.32 -9.50 -3.53
CA THR A 528 -9.62 -8.54 -4.60
C THR A 528 -8.51 -7.52 -4.78
N THR A 529 -7.67 -7.37 -3.77
CA THR A 529 -6.58 -6.40 -3.70
C THR A 529 -5.54 -6.81 -2.64
N TRP A 530 -4.33 -6.29 -2.76
CA TRP A 530 -3.23 -6.49 -1.80
C TRP A 530 -3.04 -5.21 -0.96
N SER A 531 -3.90 -4.19 -1.19
CA SER A 531 -3.83 -2.94 -0.47
C SER A 531 -3.92 -3.13 1.04
N ILE A 532 -3.01 -2.46 1.76
CA ILE A 532 -3.00 -2.49 3.23
C ILE A 532 -4.25 -1.79 3.77
N HIS A 533 -4.96 -0.99 2.92
CA HIS A 533 -6.19 -0.28 3.29
C HIS A 533 -7.43 -1.18 3.22
N ALA A 534 -7.25 -2.43 2.79
CA ALA A 534 -8.38 -3.36 2.66
C ALA A 534 -8.47 -4.22 3.89
N LYS A 535 -9.64 -4.30 4.49
CA LYS A 535 -9.91 -5.13 5.67
C LYS A 535 -10.73 -6.34 5.27
N HIS A 536 -11.12 -6.41 3.98
CA HIS A 536 -11.77 -7.62 3.42
C HIS A 536 -13.05 -8.03 4.12
N GLU A 537 -13.88 -7.05 4.56
CA GLU A 537 -15.18 -7.37 5.19
C GLU A 537 -16.13 -8.10 4.26
N TRP A 538 -15.88 -8.00 2.95
CA TRP A 538 -16.70 -8.65 1.93
C TRP A 538 -16.34 -10.12 1.78
N MET A 539 -15.26 -10.60 2.44
CA MET A 539 -14.83 -12.02 2.35
C MET A 539 -15.65 -12.85 3.35
N THR A 540 -16.96 -13.03 3.08
CA THR A 540 -17.88 -13.71 3.98
C THR A 540 -19.13 -14.16 3.24
N THR A 541 -19.92 -15.07 3.86
CA THR A 541 -21.22 -15.50 3.32
C THR A 541 -22.34 -14.86 4.11
N GLU A 542 -21.98 -13.96 5.03
CA GLU A 542 -22.96 -13.18 5.78
C GLU A 542 -23.62 -12.21 4.80
N ASP A 543 -24.92 -11.94 4.98
CA ASP A 543 -25.73 -11.03 4.19
C ASP A 543 -25.00 -9.67 4.11
N MET A 544 -24.84 -9.12 2.90
CA MET A 544 -24.08 -7.86 2.71
C MET A 544 -24.81 -6.64 3.26
N LEU A 545 -26.15 -6.67 3.41
CA LEU A 545 -26.85 -5.56 4.06
C LEU A 545 -26.43 -5.47 5.55
N THR A 546 -26.26 -6.63 6.21
CA THR A 546 -25.82 -6.70 7.61
C THR A 546 -24.39 -6.20 7.74
N VAL A 547 -23.53 -6.61 6.80
CA VAL A 547 -22.13 -6.17 6.80
C VAL A 547 -22.07 -4.66 6.53
N TRP A 548 -22.93 -4.15 5.61
CA TRP A 548 -23.00 -2.73 5.27
C TRP A 548 -23.36 -1.92 6.53
N ASN A 549 -24.37 -2.37 7.28
CA ASN A 549 -24.77 -1.70 8.51
C ASN A 549 -23.66 -1.73 9.52
N ARG A 550 -22.93 -2.84 9.64
CA ARG A 550 -21.84 -2.89 10.63
C ARG A 550 -20.73 -1.88 10.28
N VAL A 551 -20.36 -1.80 9.01
CA VAL A 551 -19.25 -0.98 8.54
C VAL A 551 -19.61 0.50 8.47
N TRP A 552 -20.76 0.83 7.87
CA TRP A 552 -21.13 2.22 7.63
C TRP A 552 -21.90 2.90 8.73
N ILE A 553 -22.53 2.12 9.63
CA ILE A 553 -23.35 2.72 10.70
C ILE A 553 -22.77 2.39 12.09
N GLN A 554 -22.91 1.13 12.50
CA GLN A 554 -22.54 0.62 13.83
C GLN A 554 -21.10 0.94 14.23
N GLU A 555 -20.11 0.55 13.41
CA GLU A 555 -18.69 0.76 13.73
C GLU A 555 -18.09 2.04 13.15
N ASN A 556 -18.91 2.88 12.53
CA ASN A 556 -18.44 4.11 11.93
C ASN A 556 -18.46 5.24 12.98
N PRO A 557 -17.28 5.72 13.47
CA PRO A 557 -17.29 6.77 14.52
C PRO A 557 -17.78 8.14 14.08
N TRP A 558 -17.87 8.38 12.75
CA TRP A 558 -18.38 9.64 12.22
C TRP A 558 -19.90 9.58 12.05
N MET A 559 -20.52 8.45 12.41
CA MET A 559 -21.96 8.26 12.30
C MET A 559 -22.52 8.27 13.74
N GLU A 560 -23.12 9.40 14.16
CA GLU A 560 -23.70 9.54 15.50
C GLU A 560 -24.98 8.72 15.66
N ASP A 561 -25.94 8.85 14.73
CA ASP A 561 -27.19 8.11 14.75
C ASP A 561 -26.94 6.66 14.24
N LYS A 562 -27.12 5.68 15.15
CA LYS A 562 -26.88 4.27 14.91
C LYS A 562 -28.10 3.49 14.38
N THR A 563 -29.17 4.19 13.91
CA THR A 563 -30.35 3.50 13.35
C THR A 563 -29.92 2.63 12.15
N PRO A 564 -30.22 1.32 12.16
CA PRO A 564 -29.82 0.49 11.01
C PRO A 564 -30.64 0.80 9.77
N VAL A 565 -30.06 0.48 8.62
CA VAL A 565 -30.72 0.62 7.33
C VAL A 565 -31.49 -0.71 7.14
N GLU A 566 -32.77 -0.64 6.74
CA GLU A 566 -33.61 -1.83 6.58
C GLU A 566 -33.57 -2.45 5.20
N SER A 567 -33.12 -1.70 4.18
CA SER A 567 -33.03 -2.22 2.82
C SER A 567 -31.95 -1.47 2.04
N TRP A 568 -31.51 -2.04 0.92
CA TRP A 568 -30.52 -1.39 0.02
C TRP A 568 -31.09 -0.14 -0.65
N GLU A 569 -32.40 -0.10 -0.83
CA GLU A 569 -33.13 1.00 -1.42
C GLU A 569 -32.94 2.31 -0.62
N GLU A 570 -32.67 2.21 0.70
CA GLU A 570 -32.37 3.33 1.61
C GLU A 570 -30.89 3.83 1.40
N ILE A 571 -30.07 3.03 0.70
CA ILE A 571 -28.65 3.34 0.49
C ILE A 571 -28.52 4.15 -0.80
N PRO A 572 -27.97 5.37 -0.71
CA PRO A 572 -27.94 6.25 -1.88
C PRO A 572 -26.88 5.95 -2.92
N TYR A 573 -27.04 6.58 -4.08
CA TYR A 573 -26.11 6.59 -5.20
C TYR A 573 -25.53 8.02 -5.33
N LEU A 574 -24.49 8.18 -6.13
CA LEU A 574 -24.02 9.53 -6.48
C LEU A 574 -25.11 10.14 -7.36
N GLY A 575 -25.07 11.44 -7.60
CA GLY A 575 -25.96 12.05 -8.57
C GLY A 575 -25.68 11.39 -9.91
N LYS A 576 -26.69 11.27 -10.78
CA LYS A 576 -26.53 10.60 -12.06
C LYS A 576 -25.40 11.20 -12.91
N ARG A 577 -25.31 12.57 -12.92
CA ARG A 577 -24.25 13.22 -13.69
C ARG A 577 -22.87 12.94 -13.09
N GLU A 578 -22.77 12.94 -11.75
CA GLU A 578 -21.51 12.63 -11.02
C GLU A 578 -21.06 11.20 -11.32
N ASP A 579 -22.00 10.27 -11.41
CA ASP A 579 -21.76 8.85 -11.69
C ASP A 579 -21.18 8.73 -13.10
N GLN A 580 -21.78 9.43 -14.08
CA GLN A 580 -21.26 9.46 -15.45
C GLN A 580 -19.85 10.07 -15.45
N TRP A 581 -19.66 11.21 -14.73
CA TRP A 581 -18.33 11.84 -14.63
C TRP A 581 -17.26 10.84 -14.12
N CYS A 582 -17.65 9.97 -13.17
CA CYS A 582 -16.69 8.99 -12.65
C CYS A 582 -16.73 7.66 -13.41
N GLY A 583 -17.21 7.71 -14.65
CA GLY A 583 -17.14 6.60 -15.59
C GLY A 583 -18.36 5.71 -15.81
N SER A 584 -19.52 6.00 -15.18
CA SER A 584 -20.75 5.19 -15.38
C SER A 584 -21.16 5.14 -16.85
N LEU A 585 -21.68 4.00 -17.29
CA LEU A 585 -22.27 3.91 -18.64
C LEU A 585 -23.78 4.22 -18.60
N ILE A 586 -24.34 4.67 -17.44
CA ILE A 586 -25.77 5.03 -17.35
C ILE A 586 -26.08 6.07 -18.46
N GLY A 587 -27.19 5.86 -19.18
CA GLY A 587 -27.58 6.71 -20.30
C GLY A 587 -27.23 6.10 -21.64
N LEU A 588 -26.21 5.18 -21.71
CA LEU A 588 -25.87 4.55 -22.98
C LEU A 588 -26.83 3.43 -23.32
N THR A 589 -27.04 3.18 -24.63
CA THR A 589 -27.94 2.11 -25.11
C THR A 589 -27.43 0.73 -24.72
N SER A 590 -26.12 0.46 -24.90
CA SER A 590 -25.55 -0.83 -24.51
C SER A 590 -25.84 -1.10 -23.01
N ARG A 591 -25.77 -0.04 -22.17
CA ARG A 591 -26.02 -0.20 -20.74
C ARG A 591 -27.50 -0.47 -20.46
N ALA A 592 -28.43 0.23 -21.17
CA ALA A 592 -29.86 0.00 -20.94
C ALA A 592 -30.26 -1.43 -21.34
N THR A 593 -29.70 -1.94 -22.43
CA THR A 593 -29.95 -3.30 -22.89
C THR A 593 -29.46 -4.32 -21.85
N TRP A 594 -28.24 -4.09 -21.34
CA TRP A 594 -27.61 -4.95 -20.32
C TRP A 594 -28.47 -5.04 -19.05
N ALA A 595 -28.88 -3.87 -18.52
CA ALA A 595 -29.66 -3.74 -17.29
C ALA A 595 -31.04 -4.40 -17.43
N LYS A 596 -31.72 -4.12 -18.54
CA LYS A 596 -33.04 -4.67 -18.87
C LYS A 596 -32.99 -6.20 -19.00
N ASN A 597 -31.97 -6.72 -19.65
CA ASN A 597 -31.88 -8.16 -19.92
C ASN A 597 -30.98 -8.90 -18.96
N ILE A 598 -30.69 -8.33 -17.79
CA ILE A 598 -29.74 -8.90 -16.82
C ILE A 598 -30.07 -10.36 -16.40
N GLN A 599 -31.36 -10.75 -16.29
CA GLN A 599 -31.69 -12.12 -15.93
C GLN A 599 -31.14 -13.15 -16.92
N THR A 600 -31.13 -12.80 -18.17
CA THR A 600 -30.58 -13.60 -19.27
C THR A 600 -29.10 -13.82 -19.07
N ALA A 601 -28.34 -12.75 -18.67
CA ALA A 601 -26.88 -12.86 -18.46
C ALA A 601 -26.64 -13.71 -17.22
N ILE A 602 -27.45 -13.48 -16.14
CA ILE A 602 -27.37 -14.27 -14.90
C ILE A 602 -27.59 -15.76 -15.24
N ASN A 603 -28.64 -16.08 -16.05
CA ASN A 603 -28.94 -17.47 -16.46
C ASN A 603 -27.86 -18.11 -17.30
N GLN A 604 -27.15 -17.31 -18.15
CA GLN A 604 -26.05 -17.87 -18.94
C GLN A 604 -24.96 -18.42 -18.00
N VAL A 605 -24.62 -17.65 -16.96
CA VAL A 605 -23.59 -18.05 -15.98
C VAL A 605 -24.08 -19.23 -15.09
N ARG A 606 -25.33 -19.17 -14.60
CA ARG A 606 -25.95 -20.27 -13.81
C ARG A 606 -25.94 -21.56 -14.62
N SER A 607 -26.24 -21.47 -15.93
CA SER A 607 -26.21 -22.63 -16.83
C SER A 607 -24.78 -23.20 -16.98
N LEU A 608 -23.75 -22.33 -17.05
CA LEU A 608 -22.36 -22.81 -17.16
C LEU A 608 -21.90 -23.47 -15.86
N ILE A 609 -22.26 -22.88 -14.71
CA ILE A 609 -21.90 -23.41 -13.38
C ILE A 609 -22.67 -24.73 -13.10
N GLY A 610 -23.95 -24.77 -13.46
CA GLY A 610 -24.76 -25.98 -13.33
C GLY A 610 -25.91 -25.90 -12.36
N ASN A 611 -26.41 -27.09 -11.97
CA ASN A 611 -27.56 -27.28 -11.08
C ASN A 611 -27.19 -27.06 -9.61
N GLU A 612 -27.14 -25.80 -9.20
CA GLU A 612 -26.75 -25.40 -7.87
C GLU A 612 -27.86 -24.58 -7.22
N GLU A 613 -27.71 -24.23 -5.93
CA GLU A 613 -28.70 -23.40 -5.24
C GLU A 613 -28.30 -21.93 -5.44
N TYR A 614 -29.18 -21.14 -6.06
CA TYR A 614 -28.96 -19.71 -6.35
C TYR A 614 -30.03 -18.87 -5.68
N THR A 615 -29.72 -17.57 -5.49
CA THR A 615 -30.64 -16.57 -4.95
C THR A 615 -30.70 -15.41 -5.95
N ASP A 616 -31.89 -14.85 -6.16
CA ASP A 616 -32.05 -13.71 -7.04
C ASP A 616 -31.86 -12.46 -6.16
N TYR A 617 -30.74 -11.72 -6.33
CA TYR A 617 -30.48 -10.48 -5.58
C TYR A 617 -30.98 -9.27 -6.34
N MET A 618 -31.37 -9.43 -7.62
CA MET A 618 -31.83 -8.29 -8.42
C MET A 618 -33.00 -7.51 -7.75
N PRO A 619 -34.07 -8.15 -7.19
CA PRO A 619 -35.19 -7.38 -6.59
C PRO A 619 -34.87 -6.50 -5.38
N SER A 620 -33.64 -6.56 -4.80
CA SER A 620 -33.20 -5.66 -3.73
C SER A 620 -33.03 -4.24 -4.32
N MET A 621 -33.00 -4.14 -5.67
CA MET A 621 -32.93 -2.85 -6.39
C MET A 621 -34.36 -2.42 -6.77
N LYS A 622 -34.67 -1.08 -6.71
CA LYS A 622 -35.96 -0.47 -7.06
C LYS A 622 -36.52 -0.92 -8.43
N ARG A 623 -35.71 -0.80 -9.51
CA ARG A 623 -36.14 -1.18 -10.87
C ARG A 623 -36.51 -2.66 -11.04
N PHE A 624 -35.91 -3.54 -10.22
CA PHE A 624 -36.15 -4.98 -10.28
C PHE A 624 -37.03 -5.42 -9.13
ZN ZN B . -16.09 9.67 -8.09
ZN ZN C . 20.97 -12.65 7.10
C1 68T D . -7.01 0.61 -2.41
C2 68T D . -5.96 1.00 -3.21
C3 68T D . -5.65 0.31 -4.37
O1 68T D . -4.62 0.65 -5.20
O2 68T D . -4.48 -5.12 -5.94
O3 68T D . -0.84 -0.91 -6.79
C11 68T D . -1.54 -1.91 -8.72
C12 68T D . -2.38 -2.73 -9.46
C13 68T D . -3.44 -3.40 -8.86
C14 68T D . -7.46 -1.21 -3.93
C15 68T D . -7.79 -0.51 -2.76
C16 68T D . -8.92 -0.99 -1.92
C17 68T D . -10.09 -1.60 -2.37
C18 68T D . -11.00 -1.85 -1.34
C19 68T D . -10.55 -1.46 -0.10
C20 68T D . -11.19 -1.51 1.17
C21 68T D . -11.69 -1.50 2.24
C22 68T D . -12.42 -1.59 3.51
O5 68T D . -6.04 -1.27 -7.06
C6 68T D . -6.07 -1.70 -5.91
N 68T D . -5.61 -2.97 -5.61
S 68T D . -5.01 -4.03 -6.71
O4 68T D . -6.00 -4.28 -7.70
C7 68T D . -3.65 -3.22 -7.50
C9 68T D . -1.75 -1.76 -7.36
C10 68T D . -0.91 -0.67 -5.38
C8 68T D . -2.81 -2.43 -6.75
C5 68T D . -6.40 -0.82 -4.75
C4 68T D . -3.67 1.62 -4.77
O 68T D . -7.38 1.28 -1.27
C 68T D . -6.68 2.46 -0.95
S1 68T D . -8.96 -0.78 -0.20
O6 68T D . -11.90 -2.61 4.34
O1 MES E . -16.38 -20.89 -17.61
O1 MES E . -15.87 -21.39 -18.69
C2 MES E . -15.89 -21.25 -18.90
C2 MES E . -15.61 -21.04 -20.05
C3 MES E . -15.25 -20.04 -19.60
C3 MES E . -15.47 -19.52 -20.21
N4 MES E . -16.13 -18.87 -19.64
N4 MES E . -16.66 -18.80 -19.74
C5 MES E . -16.68 -18.61 -18.31
C5 MES E . -16.90 -19.19 -18.34
C6 MES E . -17.34 -19.85 -17.70
C6 MES E . -17.04 -20.72 -18.18
C7 MES E . -15.43 -17.71 -20.17
C7 MES E . -16.50 -17.35 -19.90
C8 MES E . -16.38 -16.53 -20.39
C8 MES E . -15.16 -16.93 -20.49
S MES E . -15.72 -15.31 -21.60
S MES E . -15.26 -15.34 -21.43
O1S MES E . -16.75 -15.31 -22.90
O1S MES E . -16.75 -15.29 -22.18
O2S MES E . -15.77 -13.84 -20.81
O2S MES E . -15.13 -14.13 -20.30
O3S MES E . -14.17 -15.74 -22.02
O3S MES E . -14.01 -15.44 -22.50
#